data_5PA5
#
_entry.id   5PA5
#
_cell.length_a   49.732
_cell.length_b   54.387
_cell.length_c   81.242
_cell.angle_alpha   90.000
_cell.angle_beta   90.000
_cell.angle_gamma   90.000
#
_symmetry.space_group_name_H-M   'P 21 21 21'
#
loop_
_entity.id
_entity.type
_entity.pdbx_description
1 polymer 'Catechol O-methyltransferase'
2 non-polymer 'MAGNESIUM ION'
3 non-polymer 'CHLORIDE ION'
4 non-polymer 'SULFATE ION'
5 non-polymer S-ADENOSYL-L-HOMOCYSTEINE
6 non-polymer 6-(2,4-dimethyl-1,3-thiazol-5-yl)-8-oxidanyl-3~{H}-quinazolin-4-one
7 non-polymer (4S,5S)-1,2-DITHIANE-4,5-DIOL
8 non-polymer 'ACETATE ION'
9 water water
#
_entity_poly.entity_id   1
_entity_poly.type   'polypeptide(L)'
_entity_poly.pdbx_seq_one_letter_code
;MGDTKEQRILRYVQQNAKPGDPQSVLEAIDTYCTQKEWAMNVGDAKGQIMDAVIREYSPSLVLELGAYCGYSAVRMARLL
QPGARLLTMEINPDCAAITQQMLNFAGLQDKVTILNGASQDLIPQLKKKYDVDTLDMVFLDHWKDRYLPDTLLLEKCGLL
RKGTVLLADNVIVPGTPDFLAYVRGSSSFECTHYSSYLEYMKVVDGLEKAIYQGPSSPDKS
;
_entity_poly.pdbx_strand_id   A
#
loop_
_chem_comp.id
_chem_comp.type
_chem_comp.name
_chem_comp.formula
7JH non-polymer 6-(2,4-dimethyl-1,3-thiazol-5-yl)-8-oxidanyl-3~{H}-quinazolin-4-one 'C13 H11 N3 O2 S'
ACT non-polymer 'ACETATE ION' 'C2 H3 O2 -1'
CL non-polymer 'CHLORIDE ION' 'Cl -1'
D1D non-polymer (4S,5S)-1,2-DITHIANE-4,5-DIOL 'C4 H8 O2 S2'
MG non-polymer 'MAGNESIUM ION' 'Mg 2'
SO4 non-polymer 'SULFATE ION' 'O4 S -2'
#
# COMPACT_ATOMS: atom_id res chain seq x y z
N ASP A 3 -7.08 23.36 10.36
CA ASP A 3 -7.06 21.94 9.88
C ASP A 3 -5.72 21.55 9.23
N THR A 4 -5.55 20.26 9.01
CA THR A 4 -4.32 19.71 8.41
C THR A 4 -4.60 19.44 6.95
N LYS A 5 -3.52 19.23 6.20
CA LYS A 5 -3.59 18.87 4.79
C LYS A 5 -4.42 17.60 4.62
N GLU A 6 -4.27 16.67 5.55
CA GLU A 6 -4.96 15.37 5.45
C GLU A 6 -6.47 15.55 5.64
N GLN A 7 -6.83 16.40 6.62
CA GLN A 7 -8.22 16.83 6.75
C GLN A 7 -8.80 17.53 5.52
N ARG A 8 -8.01 18.39 4.86
CA ARG A 8 -8.44 19.08 3.67
C ARG A 8 -8.66 18.10 2.51
N ILE A 9 -7.77 17.09 2.39
CA ILE A 9 -7.95 16.06 1.32
C ILE A 9 -9.26 15.29 1.51
N LEU A 10 -9.52 14.87 2.75
CA LEU A 10 -10.72 14.12 3.09
C LEU A 10 -11.99 14.92 2.84
N ARG A 11 -12.04 16.14 3.35
CA ARG A 11 -13.16 17.03 3.06
C ARG A 11 -13.34 17.24 1.54
N TYR A 12 -12.25 17.44 0.80
CA TYR A 12 -12.37 17.60 -0.67
C TYR A 12 -13.05 16.37 -1.31
N VAL A 13 -12.63 15.17 -0.94
CA VAL A 13 -13.27 13.95 -1.44
C VAL A 13 -14.74 13.92 -1.07
N GLN A 14 -15.05 14.19 0.19
CA GLN A 14 -16.47 14.11 0.64
C GLN A 14 -17.32 15.09 -0.17
N GLN A 15 -16.73 16.18 -0.71
CA GLN A 15 -17.54 17.21 -1.36
C GLN A 15 -17.43 17.19 -2.89
N ASN A 16 -16.55 16.33 -3.43
CA ASN A 16 -16.31 16.27 -4.85
C ASN A 16 -16.36 14.88 -5.49
N ALA A 17 -16.55 13.84 -4.70
CA ALA A 17 -16.67 12.47 -5.17
C ALA A 17 -18.09 11.94 -4.89
N LYS A 18 -18.38 10.77 -5.43
CA LYS A 18 -19.67 10.11 -5.23
C LYS A 18 -19.52 9.04 -4.17
N PRO A 19 -20.35 9.06 -3.12
CA PRO A 19 -20.29 8.03 -2.10
C PRO A 19 -20.45 6.64 -2.72
N GLY A 20 -19.67 5.69 -2.22
CA GLY A 20 -19.70 4.33 -2.73
C GLY A 20 -19.05 4.11 -4.07
N ASP A 21 -18.38 5.13 -4.62
CA ASP A 21 -17.72 5.03 -5.94
C ASP A 21 -16.19 5.27 -5.81
N PRO A 22 -15.44 4.19 -5.60
CA PRO A 22 -14.00 4.28 -5.40
C PRO A 22 -13.21 5.02 -6.50
N GLN A 23 -13.54 4.80 -7.77
CA GLN A 23 -12.85 5.52 -8.86
C GLN A 23 -12.99 7.05 -8.68
N SER A 24 -14.19 7.49 -8.31
CA SER A 24 -14.44 8.93 -8.11
C SER A 24 -13.62 9.49 -6.92
N VAL A 25 -13.41 8.65 -5.90
CA VAL A 25 -12.58 9.03 -4.75
C VAL A 25 -11.14 9.22 -5.18
N LEU A 26 -10.60 8.24 -5.90
CA LEU A 26 -9.21 8.37 -6.43
C LEU A 26 -9.04 9.62 -7.29
N GLU A 27 -10.01 9.85 -8.19
CA GLU A 27 -9.94 10.99 -9.05
C GLU A 27 -9.95 12.30 -8.27
N ALA A 28 -10.81 12.41 -7.26
CA ALA A 28 -10.87 13.61 -6.42
C ALA A 28 -9.55 13.82 -5.65
N ILE A 29 -8.97 12.74 -5.15
CA ILE A 29 -7.70 12.88 -4.44
C ILE A 29 -6.59 13.36 -5.41
N ASP A 30 -6.53 12.74 -6.59
CA ASP A 30 -5.49 13.07 -7.56
C ASP A 30 -5.64 14.54 -8.06
N THR A 31 -6.87 14.97 -8.27
CA THR A 31 -7.14 16.36 -8.63
C THR A 31 -6.72 17.32 -7.51
N TYR A 32 -7.09 17.01 -6.27
CA TYR A 32 -6.67 17.85 -5.13
C TYR A 32 -5.14 17.97 -5.09
N CYS A 33 -4.47 16.83 -5.20
CA CYS A 33 -3.02 16.81 -5.04
C CYS A 33 -2.24 17.39 -6.23
N THR A 34 -2.88 17.42 -7.38
CA THR A 34 -2.39 18.06 -8.56
C THR A 34 -2.55 19.59 -8.57
N GLN A 35 -3.72 20.06 -8.16
CA GLN A 35 -4.11 21.46 -8.30
C GLN A 35 -3.92 22.29 -7.04
N LYS A 36 -3.95 21.65 -5.87
CA LYS A 36 -3.90 22.36 -4.58
C LYS A 36 -2.65 22.09 -3.74
N GLU A 37 -2.52 20.88 -3.25
CA GLU A 37 -1.49 20.50 -2.29
C GLU A 37 -0.97 19.12 -2.59
N TRP A 38 0.30 19.03 -2.95
CA TRP A 38 0.99 17.73 -3.08
C TRP A 38 0.78 16.89 -1.81
N ALA A 39 0.64 15.57 -1.97
CA ALA A 39 0.67 14.66 -0.83
C ALA A 39 1.25 13.32 -1.28
N MET A 40 1.80 12.59 -0.33
CA MET A 40 2.55 11.35 -0.58
C MET A 40 1.67 10.10 -0.90
N ASN A 41 0.57 10.26 -1.63
CA ASN A 41 -0.26 9.07 -2.08
C ASN A 41 0.54 8.40 -3.19
N VAL A 42 0.36 7.11 -3.43
CA VAL A 42 1.08 6.44 -4.52
C VAL A 42 0.82 7.15 -5.88
N GLY A 43 -0.34 7.75 -6.06
CA GLY A 43 -0.66 8.51 -7.27
C GLY A 43 -1.10 7.68 -8.44
N ASP A 44 -1.50 8.35 -9.51
CA ASP A 44 -2.11 7.67 -10.63
C ASP A 44 -1.08 6.96 -11.53
N ALA A 45 0.09 7.54 -11.69
CA ALA A 45 1.10 6.92 -12.58
C ALA A 45 1.58 5.56 -12.03
N LYS A 46 2.05 5.55 -10.80
CA LYS A 46 2.45 4.31 -10.13
C LYS A 46 1.22 3.47 -9.78
N GLY A 47 0.09 4.14 -9.51
CA GLY A 47 -1.17 3.45 -9.26
C GLY A 47 -1.61 2.54 -10.41
N GLN A 48 -1.41 2.99 -11.63
CA GLN A 48 -1.74 2.16 -12.80
C GLN A 48 -0.92 0.89 -12.84
N ILE A 49 0.32 0.97 -12.37
CA ILE A 49 1.20 -0.22 -12.34
C ILE A 49 0.69 -1.17 -11.21
N MET A 50 0.38 -0.64 -10.01
CA MET A 50 -0.24 -1.43 -8.95
CA MET A 50 -0.24 -1.39 -8.91
C MET A 50 -1.50 -2.12 -9.42
N ASP A 51 -2.36 -1.39 -10.13
CA ASP A 51 -3.61 -1.96 -10.66
C ASP A 51 -3.31 -3.21 -11.51
N ALA A 52 -2.29 -3.10 -12.34
CA ALA A 52 -1.95 -4.20 -13.24
C ALA A 52 -1.44 -5.41 -12.46
N VAL A 53 -0.68 -5.15 -11.39
CA VAL A 53 -0.17 -6.22 -10.54
C VAL A 53 -1.29 -6.89 -9.76
N ILE A 54 -2.20 -6.09 -9.18
CA ILE A 54 -3.34 -6.62 -8.45
C ILE A 54 -4.20 -7.49 -9.38
N ARG A 55 -4.41 -7.04 -10.62
CA ARG A 55 -5.25 -7.79 -11.56
C ARG A 55 -4.61 -9.12 -11.96
N GLU A 56 -3.30 -9.12 -12.03
CA GLU A 56 -2.56 -10.30 -12.46
C GLU A 56 -2.61 -11.40 -11.42
N TYR A 57 -2.47 -11.01 -10.15
CA TYR A 57 -2.37 -11.97 -9.04
C TYR A 57 -3.69 -12.25 -8.29
N SER A 58 -4.69 -11.37 -8.42
CA SER A 58 -5.96 -11.52 -7.68
CA SER A 58 -5.96 -11.51 -7.69
C SER A 58 -5.72 -12.03 -6.25
N PRO A 59 -4.96 -11.27 -5.43
CA PRO A 59 -4.62 -11.75 -4.07
C PRO A 59 -5.88 -11.86 -3.16
N SER A 60 -5.96 -12.91 -2.38
CA SER A 60 -7.06 -13.03 -1.39
C SER A 60 -6.80 -12.26 -0.12
N LEU A 61 -5.52 -12.11 0.22
CA LEU A 61 -5.11 -11.39 1.43
C LEU A 61 -3.88 -10.53 1.16
N VAL A 62 -4.05 -9.22 1.31
CA VAL A 62 -3.00 -8.22 1.04
C VAL A 62 -2.66 -7.51 2.35
N LEU A 63 -1.39 -7.27 2.57
CA LEU A 63 -0.94 -6.43 3.68
C LEU A 63 -0.31 -5.17 3.13
N GLU A 64 -0.81 -4.02 3.57
CA GLU A 64 -0.23 -2.72 3.24
C GLU A 64 0.48 -2.16 4.47
N LEU A 65 1.69 -1.66 4.27
CA LEU A 65 2.41 -0.95 5.33
C LEU A 65 2.40 0.50 4.97
N GLY A 66 1.67 1.28 5.75
CA GLY A 66 1.52 2.71 5.52
C GLY A 66 0.21 3.05 4.82
N ALA A 67 -0.74 3.60 5.56
CA ALA A 67 -2.07 3.92 5.03
C ALA A 67 -2.24 5.37 4.59
N TYR A 68 -1.72 6.27 5.41
CA TYR A 68 -1.81 7.73 5.20
C TYR A 68 -3.28 8.20 5.15
N CYS A 69 -3.80 8.61 4.00
CA CYS A 69 -5.19 9.03 3.85
C CYS A 69 -6.11 7.96 3.25
N GLY A 70 -5.55 6.82 2.88
CA GLY A 70 -6.33 5.71 2.34
C GLY A 70 -6.35 5.55 0.83
N TYR A 71 -5.54 6.34 0.13
CA TYR A 71 -5.55 6.37 -1.33
C TYR A 71 -5.17 4.96 -1.89
N SER A 72 -4.00 4.46 -1.53
CA SER A 72 -3.58 3.13 -2.00
C SER A 72 -4.55 2.02 -1.51
N ALA A 73 -5.11 2.19 -0.33
CA ALA A 73 -6.08 1.17 0.21
C ALA A 73 -7.36 1.12 -0.63
N VAL A 74 -7.90 2.29 -0.98
CA VAL A 74 -9.01 2.39 -1.92
C VAL A 74 -8.60 1.80 -3.27
N ARG A 75 -7.40 2.14 -3.74
CA ARG A 75 -6.99 1.74 -5.06
C ARG A 75 -6.87 0.22 -5.15
N MET A 76 -6.28 -0.41 -4.13
CA MET A 76 -6.17 -1.87 -4.11
C MET A 76 -7.50 -2.57 -3.81
N ALA A 77 -8.24 -2.07 -2.81
CA ALA A 77 -9.44 -2.80 -2.34
C ALA A 77 -10.52 -2.81 -3.43
N ARG A 78 -10.55 -1.81 -4.28
CA ARG A 78 -11.61 -1.74 -5.29
C ARG A 78 -11.46 -2.85 -6.35
N LEU A 79 -10.26 -3.40 -6.44
CA LEU A 79 -9.95 -4.45 -7.40
C LEU A 79 -9.95 -5.84 -6.80
N LEU A 80 -10.05 -5.96 -5.49
CA LEU A 80 -10.17 -7.29 -4.83
C LEU A 80 -11.47 -8.02 -5.16
N GLN A 81 -11.39 -9.35 -5.22
CA GLN A 81 -12.54 -10.19 -5.43
C GLN A 81 -13.43 -10.19 -4.21
N PRO A 82 -14.69 -10.62 -4.38
CA PRO A 82 -15.54 -10.76 -3.20
C PRO A 82 -14.90 -11.73 -2.24
N GLY A 83 -14.95 -11.38 -0.96
CA GLY A 83 -14.36 -12.17 0.11
C GLY A 83 -12.89 -11.91 0.39
N ALA A 84 -12.21 -11.29 -0.57
CA ALA A 84 -10.74 -11.02 -0.44
C ALA A 84 -10.60 -9.81 0.48
N ARG A 85 -9.43 -9.70 1.11
CA ARG A 85 -9.26 -8.75 2.22
C ARG A 85 -7.92 -8.03 2.17
N LEU A 86 -7.94 -6.82 2.70
CA LEU A 86 -6.79 -6.01 2.94
C LEU A 86 -6.66 -5.65 4.39
N LEU A 87 -5.44 -5.80 4.90
CA LEU A 87 -5.04 -5.26 6.19
C LEU A 87 -4.04 -4.13 5.94
N THR A 88 -4.25 -2.96 6.54
CA THR A 88 -3.32 -1.87 6.39
CA THR A 88 -3.36 -1.82 6.38
C THR A 88 -2.83 -1.41 7.76
N MET A 89 -1.52 -1.21 7.88
CA MET A 89 -0.93 -0.86 9.18
C MET A 89 -0.53 0.60 9.14
N GLU A 90 -0.88 1.36 10.18
CA GLU A 90 -0.63 2.80 10.20
C GLU A 90 -0.27 3.26 11.60
N ILE A 91 0.94 3.83 11.73
CA ILE A 91 1.52 4.23 13.03
C ILE A 91 0.88 5.51 13.62
N ASN A 92 0.40 6.40 12.74
CA ASN A 92 -0.09 7.72 13.11
C ASN A 92 -1.61 7.65 13.26
N PRO A 93 -2.12 7.91 14.48
CA PRO A 93 -3.56 7.71 14.67
C PRO A 93 -4.40 8.70 13.90
N ASP A 94 -3.89 9.91 13.66
CA ASP A 94 -4.67 10.88 12.91
C ASP A 94 -4.86 10.41 11.48
N CYS A 95 -3.80 9.80 10.92
CA CYS A 95 -3.87 9.17 9.59
C CYS A 95 -4.81 7.97 9.59
N ALA A 96 -4.76 7.15 10.64
CA ALA A 96 -5.62 6.01 10.69
C ALA A 96 -7.11 6.48 10.64
N ALA A 97 -7.41 7.56 11.39
CA ALA A 97 -8.75 8.14 11.38
C ALA A 97 -9.21 8.63 10.01
N ILE A 98 -8.32 9.33 9.29
CA ILE A 98 -8.66 9.77 7.95
C ILE A 98 -8.89 8.57 7.04
N THR A 99 -7.99 7.59 7.06
CA THR A 99 -8.14 6.38 6.27
C THR A 99 -9.46 5.68 6.50
N GLN A 100 -9.90 5.54 7.74
CA GLN A 100 -11.18 4.90 8.00
C GLN A 100 -12.34 5.65 7.34
N GLN A 101 -12.33 6.97 7.44
CA GLN A 101 -13.41 7.77 6.87
C GLN A 101 -13.37 7.71 5.34
N MET A 102 -12.15 7.64 4.78
CA MET A 102 -12.00 7.54 3.32
C MET A 102 -12.57 6.22 2.79
N LEU A 103 -12.25 5.12 3.46
CA LEU A 103 -12.75 3.81 3.13
C LEU A 103 -14.26 3.72 3.26
N ASN A 104 -14.80 4.26 4.38
CA ASN A 104 -16.24 4.36 4.58
C ASN A 104 -16.91 5.12 3.43
N PHE A 105 -16.37 6.27 3.05
CA PHE A 105 -16.97 7.06 2.01
C PHE A 105 -16.99 6.28 0.68
N ALA A 106 -15.88 5.57 0.40
CA ALA A 106 -15.73 4.76 -0.84
C ALA A 106 -16.60 3.49 -0.86
N GLY A 107 -17.12 3.08 0.31
CA GLY A 107 -17.94 1.88 0.49
C GLY A 107 -17.11 0.60 0.56
N LEU A 108 -15.84 0.75 0.90
CA LEU A 108 -14.91 -0.39 0.95
C LEU A 108 -14.56 -0.87 2.36
N GLN A 109 -15.27 -0.36 3.35
CA GLN A 109 -14.92 -0.66 4.74
C GLN A 109 -15.05 -2.16 5.07
N ASP A 110 -15.92 -2.90 4.36
CA ASP A 110 -16.04 -4.34 4.66
C ASP A 110 -14.85 -5.14 4.16
N LYS A 111 -14.00 -4.55 3.32
CA LYS A 111 -12.88 -5.30 2.72
C LYS A 111 -11.56 -5.01 3.41
N VAL A 112 -11.52 -3.90 4.14
CA VAL A 112 -10.29 -3.41 4.70
C VAL A 112 -10.33 -3.25 6.22
N THR A 113 -9.25 -3.66 6.88
CA THR A 113 -9.08 -3.51 8.35
C THR A 113 -7.81 -2.68 8.59
N ILE A 114 -7.96 -1.57 9.29
CA ILE A 114 -6.84 -0.74 9.72
C ILE A 114 -6.35 -1.29 11.05
N LEU A 115 -5.04 -1.47 11.13
CA LEU A 115 -4.37 -1.95 12.32
C LEU A 115 -3.54 -0.76 12.76
N ASN A 116 -3.74 -0.34 14.01
CA ASN A 116 -3.09 0.85 14.56
C ASN A 116 -1.83 0.52 15.28
N GLY A 117 -0.72 1.03 14.79
CA GLY A 117 0.55 0.74 15.44
C GLY A 117 1.65 0.71 14.41
N ALA A 118 2.87 0.58 14.91
CA ALA A 118 4.05 0.38 14.07
C ALA A 118 4.07 -0.99 13.47
N SER A 119 4.44 -1.07 12.20
CA SER A 119 4.50 -2.36 11.48
C SER A 119 5.38 -3.38 12.22
N GLN A 120 6.48 -2.88 12.79
CA GLN A 120 7.45 -3.76 13.45
C GLN A 120 6.84 -4.35 14.74
N ASP A 121 5.87 -3.68 15.31
CA ASP A 121 5.12 -4.21 16.47
C ASP A 121 3.92 -5.12 16.10
N LEU A 122 3.26 -4.79 15.00
CA LEU A 122 2.05 -5.52 14.58
C LEU A 122 2.33 -6.81 13.78
N ILE A 123 3.36 -6.78 12.93
CA ILE A 123 3.68 -7.96 12.13
C ILE A 123 3.78 -9.25 12.95
N PRO A 124 4.48 -9.23 14.10
CA PRO A 124 4.58 -10.44 14.97
C PRO A 124 3.27 -10.90 15.57
N GLN A 125 2.25 -10.04 15.53
CA GLN A 125 0.90 -10.37 16.05
C GLN A 125 -0.07 -10.98 15.01
N LEU A 126 0.29 -10.97 13.73
CA LEU A 126 -0.69 -11.30 12.69
C LEU A 126 -1.18 -12.75 12.76
N LYS A 127 -0.27 -13.68 13.01
CA LYS A 127 -0.68 -15.07 13.12
C LYS A 127 -1.63 -15.29 14.30
N LYS A 128 -1.21 -14.91 15.51
CA LYS A 128 -1.99 -15.24 16.70
C LYS A 128 -3.16 -14.29 16.94
N LYS A 129 -2.93 -12.98 16.88
CA LYS A 129 -4.01 -12.03 17.16
C LYS A 129 -4.99 -11.86 15.99
N TYR A 130 -4.47 -11.81 14.78
CA TYR A 130 -5.30 -11.55 13.61
C TYR A 130 -5.56 -12.78 12.74
N ASP A 131 -5.17 -13.96 13.22
CA ASP A 131 -5.53 -15.23 12.55
C ASP A 131 -5.03 -15.30 11.08
N VAL A 132 -3.88 -14.71 10.79
CA VAL A 132 -3.30 -14.81 9.44
C VAL A 132 -2.46 -16.08 9.34
N ASP A 133 -2.59 -16.80 8.23
CA ASP A 133 -1.63 -17.87 7.93
C ASP A 133 -0.46 -17.30 7.11
N THR A 134 -0.64 -17.13 5.81
CA THR A 134 0.35 -16.45 4.98
C THR A 134 -0.31 -15.36 4.12
N LEU A 135 0.52 -14.41 3.69
CA LEU A 135 0.09 -13.24 2.90
C LEU A 135 0.26 -13.57 1.44
N ASP A 136 -0.67 -13.09 0.59
CA ASP A 136 -0.55 -13.26 -0.85
C ASP A 136 0.27 -12.11 -1.48
N MET A 137 0.13 -10.93 -0.89
CA MET A 137 0.80 -9.76 -1.39
C MET A 137 1.03 -8.78 -0.24
N VAL A 138 2.14 -8.08 -0.33
CA VAL A 138 2.51 -7.01 0.60
C VAL A 138 2.89 -5.77 -0.19
N PHE A 139 2.26 -4.64 0.15
CA PHE A 139 2.60 -3.33 -0.40
C PHE A 139 3.37 -2.55 0.66
N LEU A 140 4.64 -2.29 0.35
CA LEU A 140 5.57 -1.57 1.23
C LEU A 140 5.57 -0.12 0.83
N ASP A 141 5.07 0.74 1.71
CA ASP A 141 4.97 2.15 1.39
C ASP A 141 4.90 2.99 2.67
N HIS A 142 5.72 2.64 3.66
CA HIS A 142 5.66 3.30 4.95
C HIS A 142 6.81 4.25 5.17
N TRP A 143 7.96 3.71 5.53
CA TRP A 143 9.15 4.52 5.69
C TRP A 143 10.34 3.74 5.11
N LYS A 144 11.09 4.40 4.23
CA LYS A 144 12.21 3.73 3.54
C LYS A 144 13.07 2.83 4.42
N ASP A 145 13.38 3.29 5.64
CA ASP A 145 14.36 2.52 6.44
C ASP A 145 13.78 1.26 7.05
N ARG A 146 12.46 1.14 7.00
CA ARG A 146 11.79 -0.07 7.47
C ARG A 146 11.61 -1.20 6.43
N TYR A 147 11.85 -0.93 5.17
CA TYR A 147 11.47 -1.91 4.12
C TYR A 147 12.23 -3.25 4.29
N LEU A 148 13.54 -3.13 4.42
CA LEU A 148 14.39 -4.31 4.64
C LEU A 148 14.13 -5.01 5.98
N PRO A 149 14.19 -4.29 7.12
CA PRO A 149 13.93 -4.98 8.36
C PRO A 149 12.53 -5.64 8.44
N ASP A 150 11.51 -4.96 7.93
CA ASP A 150 10.16 -5.54 7.95
C ASP A 150 10.01 -6.77 7.00
N THR A 151 10.72 -6.75 5.87
CA THR A 151 10.76 -7.87 4.95
C THR A 151 11.35 -9.10 5.68
N LEU A 152 12.46 -8.87 6.37
CA LEU A 152 13.12 -9.96 7.11
C LEU A 152 12.26 -10.44 8.26
N LEU A 153 11.51 -9.53 8.90
CA LEU A 153 10.59 -9.88 9.99
C LEU A 153 9.41 -10.70 9.45
N LEU A 154 8.87 -10.32 8.29
CA LEU A 154 7.79 -11.07 7.69
C LEU A 154 8.27 -12.48 7.42
N GLU A 155 9.51 -12.61 6.92
CA GLU A 155 10.03 -13.98 6.69
C GLU A 155 10.17 -14.77 8.01
N LYS A 156 10.79 -14.13 9.00
CA LYS A 156 10.99 -14.76 10.31
C LYS A 156 9.68 -15.28 10.84
N CYS A 157 8.62 -14.50 10.71
CA CYS A 157 7.31 -14.84 11.30
C CYS A 157 6.52 -15.89 10.52
N GLY A 158 7.05 -16.38 9.41
CA GLY A 158 6.41 -17.40 8.60
C GLY A 158 5.24 -16.90 7.78
N LEU A 159 5.22 -15.61 7.47
CA LEU A 159 4.08 -14.95 6.84
C LEU A 159 4.19 -14.93 5.32
N LEU A 160 5.37 -15.28 4.79
CA LEU A 160 5.59 -15.39 3.36
C LEU A 160 5.50 -16.85 2.91
N ARG A 161 4.95 -17.05 1.73
CA ARG A 161 4.90 -18.39 1.11
C ARG A 161 5.48 -18.27 -0.29
N LYS A 162 5.72 -19.42 -0.96
CA LYS A 162 6.24 -19.38 -2.33
C LYS A 162 5.24 -18.63 -3.19
N GLY A 163 5.70 -17.57 -3.88
CA GLY A 163 4.83 -16.79 -4.76
C GLY A 163 4.24 -15.52 -4.07
N THR A 164 4.46 -15.34 -2.79
CA THR A 164 4.01 -14.08 -2.14
C THR A 164 4.67 -12.90 -2.90
N VAL A 165 3.84 -11.92 -3.29
CA VAL A 165 4.29 -10.76 -4.08
C VAL A 165 4.57 -9.58 -3.17
N LEU A 166 5.84 -9.12 -3.12
CA LEU A 166 6.13 -7.89 -2.42
C LEU A 166 6.17 -6.81 -3.50
N LEU A 167 5.46 -5.72 -3.27
CA LEU A 167 5.53 -4.54 -4.15
C LEU A 167 5.92 -3.31 -3.34
N ALA A 168 7.03 -2.65 -3.68
CA ALA A 168 7.53 -1.59 -2.87
C ALA A 168 7.52 -0.28 -3.64
N ASP A 169 6.94 0.76 -3.02
CA ASP A 169 6.94 2.11 -3.57
C ASP A 169 8.21 2.85 -3.21
N ASN A 170 8.60 3.85 -4.03
CA ASN A 170 9.62 4.84 -3.68
C ASN A 170 11.01 4.22 -3.59
N VAL A 171 11.28 3.19 -4.40
CA VAL A 171 12.56 2.53 -4.30
C VAL A 171 13.64 3.43 -4.91
N ILE A 172 13.20 4.44 -5.67
CA ILE A 172 14.12 5.45 -6.19
C ILE A 172 14.11 6.79 -5.40
N VAL A 173 12.92 7.35 -5.17
CA VAL A 173 12.76 8.54 -4.32
C VAL A 173 11.58 8.37 -3.38
N PRO A 174 11.79 8.50 -2.06
CA PRO A 174 13.05 8.79 -1.36
C PRO A 174 14.20 7.78 -1.56
N GLY A 175 13.88 6.56 -1.98
CA GLY A 175 14.88 5.54 -2.25
C GLY A 175 15.07 4.57 -1.10
N THR A 176 15.26 3.29 -1.47
CA THR A 176 15.43 2.21 -0.49
C THR A 176 16.60 1.33 -0.93
N PRO A 177 17.84 1.88 -0.89
CA PRO A 177 18.99 1.19 -1.50
C PRO A 177 19.36 -0.12 -0.78
N ASP A 178 19.22 -0.17 0.54
CA ASP A 178 19.51 -1.44 1.25
C ASP A 178 18.51 -2.54 0.87
N PHE A 179 17.23 -2.18 0.80
CA PHE A 179 16.17 -3.12 0.39
C PHE A 179 16.40 -3.67 -0.99
N LEU A 180 16.67 -2.76 -1.95
CA LEU A 180 16.88 -3.15 -3.34
C LEU A 180 18.12 -4.01 -3.49
N ALA A 181 19.22 -3.66 -2.81
CA ALA A 181 20.44 -4.47 -2.87
C ALA A 181 20.16 -5.87 -2.35
N TYR A 182 19.38 -5.96 -1.29
CA TYR A 182 19.13 -7.22 -0.63
C TYR A 182 18.25 -8.14 -1.50
N VAL A 183 17.08 -7.65 -1.90
CA VAL A 183 16.17 -8.54 -2.65
C VAL A 183 16.76 -8.94 -4.01
N ARG A 184 17.43 -8.02 -4.64
CA ARG A 184 18.05 -8.25 -5.98
C ARG A 184 19.25 -9.20 -5.89
N GLY A 185 19.93 -9.28 -4.75
CA GLY A 185 21.02 -10.24 -4.55
C GLY A 185 20.63 -11.57 -3.92
N SER A 186 19.37 -11.70 -3.49
CA SER A 186 18.92 -12.87 -2.77
C SER A 186 18.27 -13.88 -3.67
N SER A 187 18.73 -15.11 -3.58
CA SER A 187 18.07 -16.15 -4.36
C SER A 187 16.67 -16.50 -3.79
N SER A 188 16.29 -15.97 -2.63
CA SER A 188 14.90 -16.09 -2.15
C SER A 188 13.90 -15.13 -2.83
N PHE A 189 14.37 -14.24 -3.69
CA PHE A 189 13.46 -13.31 -4.41
C PHE A 189 13.67 -13.30 -5.92
N GLU A 190 12.58 -13.20 -6.69
CA GLU A 190 12.63 -12.88 -8.10
C GLU A 190 12.09 -11.46 -8.27
N CYS A 191 12.96 -10.56 -8.73
CA CYS A 191 12.68 -9.12 -8.75
C CYS A 191 12.49 -8.52 -10.16
N THR A 192 11.62 -7.53 -10.23
CA THR A 192 11.35 -6.76 -11.43
C THR A 192 11.24 -5.31 -11.01
N HIS A 193 11.84 -4.42 -11.79
CA HIS A 193 11.73 -2.98 -11.55
C HIS A 193 10.77 -2.33 -12.54
N TYR A 194 9.85 -1.49 -12.04
CA TYR A 194 8.87 -0.79 -12.86
C TYR A 194 9.15 0.70 -12.75
N SER A 195 9.81 1.24 -13.77
CA SER A 195 10.17 2.66 -13.73
C SER A 195 8.94 3.50 -13.97
N SER A 196 8.79 4.56 -13.16
CA SER A 196 7.66 5.43 -13.32
C SER A 196 8.04 6.83 -12.84
N TYR A 197 7.08 7.52 -12.25
CA TYR A 197 7.25 8.89 -11.77
C TYR A 197 6.68 9.05 -10.38
N LEU A 198 7.34 9.87 -9.58
CA LEU A 198 6.82 10.28 -8.28
C LEU A 198 5.45 10.89 -8.46
N GLU A 199 4.55 10.54 -7.55
CA GLU A 199 3.21 11.02 -7.57
C GLU A 199 3.19 12.54 -7.81
N TYR A 200 2.39 12.91 -8.82
CA TYR A 200 2.05 14.30 -9.09
C TYR A 200 3.24 15.13 -9.51
N MET A 201 4.36 14.52 -9.92
CA MET A 201 5.61 15.26 -10.22
CA MET A 201 5.55 15.28 -10.28
C MET A 201 6.32 14.66 -11.43
N LYS A 202 7.05 15.48 -12.17
CA LYS A 202 7.92 15.00 -13.25
C LYS A 202 9.30 14.73 -12.67
N VAL A 203 9.33 13.71 -11.80
CA VAL A 203 10.50 13.21 -11.13
C VAL A 203 10.46 11.70 -11.24
N VAL A 204 11.54 11.09 -11.72
CA VAL A 204 11.56 9.62 -11.89
C VAL A 204 11.49 8.92 -10.52
N ASP A 205 10.63 7.91 -10.42
CA ASP A 205 10.60 7.05 -9.25
C ASP A 205 10.37 5.65 -9.80
N GLY A 206 10.14 4.68 -8.95
CA GLY A 206 9.84 3.35 -9.44
C GLY A 206 9.28 2.48 -8.34
N LEU A 207 8.67 1.37 -8.76
CA LEU A 207 8.24 0.29 -7.86
C LEU A 207 9.13 -0.92 -8.09
N GLU A 208 9.40 -1.64 -7.03
CA GLU A 208 10.05 -2.95 -7.16
C GLU A 208 9.07 -4.04 -6.80
N LYS A 209 8.97 -5.04 -7.68
CA LYS A 209 8.24 -6.27 -7.37
C LYS A 209 9.26 -7.36 -7.02
N ALA A 210 9.10 -7.98 -5.85
CA ALA A 210 9.98 -9.05 -5.40
C ALA A 210 9.10 -10.21 -4.99
N ILE A 211 9.17 -11.30 -5.75
CA ILE A 211 8.34 -12.47 -5.50
C ILE A 211 9.15 -13.46 -4.66
N TYR A 212 8.61 -13.82 -3.49
CA TYR A 212 9.32 -14.68 -2.57
C TYR A 212 9.34 -16.08 -3.15
N GLN A 213 10.49 -16.72 -3.06
CA GLN A 213 10.71 -18.07 -3.62
C GLN A 213 10.90 -19.14 -2.56
N GLY A 214 10.70 -18.83 -1.29
CA GLY A 214 10.83 -19.85 -0.23
C GLY A 214 12.19 -19.66 0.39
N PRO A 215 12.45 -20.33 1.55
CA PRO A 215 13.69 -20.08 2.34
C PRO A 215 14.98 -20.65 1.74
MG MG B . 5.00 6.14 -1.37
CL CL C . 0.57 10.74 -10.60
S SO4 D . -17.22 -9.05 0.24
O1 SO4 D . -17.40 -9.65 1.58
O2 SO4 D . -17.78 -7.67 0.20
O3 SO4 D . -17.91 -9.93 -0.73
O4 SO4 D . -15.79 -8.97 -0.14
S SO4 E . -0.73 21.26 7.67
O1 SO4 E . -1.67 22.36 7.25
O2 SO4 E . -0.70 21.32 9.17
O3 SO4 E . -1.08 19.86 7.28
O4 SO4 E . 0.61 21.51 7.07
N SAH F . 0.18 3.89 1.02
CA SAH F . -0.32 5.29 1.11
CB SAH F . 0.78 6.33 1.47
CG SAH F . 1.47 6.01 2.81
SD SAH F . 2.50 7.40 3.29
C SAH F . -0.89 5.66 -0.23
O SAH F . -1.99 6.20 -0.30
OXT SAH F . -0.27 5.46 -1.28
C5' SAH F . 3.43 6.66 4.61
C4' SAH F . 2.59 6.30 5.85
O4' SAH F . 3.32 5.29 6.60
C3' SAH F . 2.38 7.48 6.78
O3' SAH F . 0.96 7.63 7.01
C2' SAH F . 3.12 7.13 8.08
O2' SAH F . 2.40 7.48 9.28
C1' SAH F . 3.18 5.61 7.99
N9 SAH F . 4.28 4.96 8.69
C8 SAH F . 5.58 5.35 8.77
N7 SAH F . 6.30 4.44 9.47
C5 SAH F . 5.44 3.46 9.80
C6 SAH F . 5.54 2.17 10.52
N6 SAH F . 6.72 1.82 11.05
N1 SAH F . 4.40 1.42 10.67
C2 SAH F . 3.20 1.77 10.17
N3 SAH F . 3.05 2.94 9.49
C4 SAH F . 4.11 3.79 9.30
C4 7JH G . 7.55 10.66 -0.25
C5 7JH G . 6.84 9.99 -1.23
C6 7JH G . 6.14 8.77 -0.91
C8 7JH G . 5.54 6.56 1.83
C10 7JH G . 7.03 8.28 2.67
C17 7JH G . 7.93 13.39 1.51
C1 7JH G . 6.21 8.21 0.36
C2 7JH G . 6.96 8.90 1.34
C3 7JH G . 7.64 10.11 1.02
N7 7JH G . 5.50 7.03 0.61
N9 7JH G . 6.28 7.10 2.84
O11 7JH G . 7.72 8.69 3.61
C12 7JH G . 8.32 11.90 -0.57
S13 7JH G . 9.13 12.00 -2.03
C14 7JH G . 8.49 13.07 0.18
N15 7JH G . 9.28 14.02 -0.47
C16 7JH G . 9.71 13.60 -1.65
C18 7JH G . 10.57 14.34 -2.60
O19 7JH G . 5.44 8.16 -1.89
S1 D1D H . 8.72 17.24 -4.76
C1 D1D H . 7.87 18.80 -4.59
C2 D1D H . 7.33 19.20 -3.22
O2 D1D H . 6.39 20.26 -3.39
C3 D1D H . 6.62 18.08 -2.47
O3 D1D H . 6.31 18.63 -1.19
C4 D1D H . 7.46 16.81 -2.31
S4 D1D H . 7.56 15.88 -3.81
C ACT I . 9.77 3.67 12.03
O ACT I . 9.33 3.59 13.19
OXT ACT I . 8.96 3.61 11.07
CH3 ACT I . 11.24 3.85 11.77
#